data_4E78
#
_entry.id   4E78
#
_cell.length_a   143.270
_cell.length_b   143.270
_cell.length_c   92.190
_cell.angle_alpha   90.00
_cell.angle_beta   90.00
_cell.angle_gamma   120.00
#
_symmetry.space_group_name_H-M   'P 65'
#
loop_
_entity.id
_entity.type
_entity.pdbx_description
1 polymer "5'-R(*U*AP*CP*CP*GP*(GDO))-3'"
2 polymer 'PROTEIN (RNA-directed RNA polymerase)'
3 water water
#
loop_
_entity_poly.entity_id
_entity_poly.type
_entity_poly.pdbx_seq_one_letter_code
_entity_poly.pdbx_strand_id
1 'polyribonucleotide' UACCG(GDO) T,P
2 'polypeptide(L)'
;MSSMSYSWTGALITPCSPEEEKLPINPLSNSLLRYHNKVYCTTSKSASQRAKKVTFDRTQVLDAHYDSVLKDIKLAASKV
SARLLTLQQACQLTPPHSARSKYGFGAKEVRSLSGRAVNHIKSVWKDLLEDPQTPIPTTIMAKNEVFCVDPAKGGKKPAR
LIVYPDLGVRVCEKMALYDITQKLPQAVMGASYGFQYSPAQRVEYLLKAWAEKKDPMGFSYDTRCFDSTVTERDIRTEES
IYQACSLPEEARTAIHSLTERLYVGGPMFNSKGQTCGYRRCRASGVLTTSMGNTITCYVKALAACKAAGIVAPTMLVCGD
DLVVISESQGTEEDERNLRAFTEAMTRYSAPPGDPPRPEYDLELITSCSSNVSVALGPRGRRRYYLTRDPTTPLARAAWE
TVRHSPINSWLGNIIQYAPTIWVRMVLMTHFFSILMVQDTLDQNLGGVNPLDLPAIIERLHGLDAFSMHTYSHHELTRVA
SALRKLGAPPLRVWKSRARAVRASLISRGGKAAVCGRYLFNWAVKTKLKLTPLPEARLLDLSSWFTVGAGGGDIFHSVSR
ARPRLEHHHHHH
;
A
#
loop_
_chem_comp.id
_chem_comp.type
_chem_comp.name
_chem_comp.formula
A RNA linking ADENOSINE-5'-MONOPHOSPHATE 'C10 H14 N5 O7 P'
C RNA linking CYTIDINE-5'-MONOPHOSPHATE 'C9 H14 N3 O8 P'
G RNA linking GUANOSINE-5'-MONOPHOSPHATE 'C10 H14 N5 O8 P'
GDO RNA linking '3'-deoxy-guanosine 5'-monophosphate' 'C10 H14 N5 O7 P'
U RNA linking URIDINE-5'-MONOPHOSPHATE 'C9 H13 N2 O9 P'
#
# COMPACT_ATOMS: atom_id res chain seq x y z
C4 GDO A 6 1.65 -0.65 -6.90
C5 GDO A 6 1.28 0.43 -7.68
C6 GDO A 6 -0.08 0.54 -8.07
N1 GDO A 6 -0.86 -0.50 -7.56
C8 GDO A 6 3.37 0.66 -7.37
N2 GDO A 6 -1.27 -2.44 -6.38
O6 GDO A 6 -0.62 1.41 -8.76
N3 GDO A 6 0.90 -1.65 -6.42
P GDO A 6 7.55 1.53 -8.23
OP1 GDO A 6 8.94 1.50 -8.74
OP2 GDO A 6 6.48 1.99 -9.14
O5' GDO A 6 7.18 0.07 -7.70
C5' GDO A 6 7.30 -0.30 -6.32
C4' GDO A 6 6.22 -1.31 -5.98
O4' GDO A 6 5.03 -0.61 -5.53
C3' GDO A 6 5.75 -2.18 -7.13
C2' GDO A 6 4.35 -2.59 -6.70
O2' GDO A 6 4.33 -3.76 -5.90
C1' GDO A 6 3.88 -1.36 -5.93
N9 GDO A 6 3.01 -0.49 -6.71
N7 GDO A 6 2.36 1.24 -7.97
C2 GDO A 6 -0.37 -1.53 -6.78
C4 GDO B 6 -0.48 7.06 -0.14
C5 GDO B 6 -1.81 6.98 -0.49
C6 GDO B 6 -2.30 7.86 -1.51
N1 GDO B 6 -1.30 8.70 -1.98
C8 GDO B 6 -1.53 5.51 1.01
N2 GDO B 6 0.82 9.58 -2.13
O6 GDO B 6 -3.45 7.95 -1.96
N3 GDO B 6 0.47 7.89 -0.62
P GDO B 6 -2.28 2.58 4.27
OP1 GDO B 6 -2.41 2.31 5.72
OP2 GDO B 6 -3.46 3.10 3.53
O5' GDO B 6 -1.19 3.74 4.06
C5' GDO B 6 0.22 3.51 4.21
C4' GDO B 6 1.02 4.61 3.54
O4' GDO B 6 0.86 4.53 2.10
C3' GDO B 6 0.61 6.03 3.89
C2' GDO B 6 1.15 6.81 2.70
O2' GDO B 6 2.51 7.17 2.83
C1' GDO B 6 0.93 5.83 1.55
N9 GDO B 6 -0.31 6.11 0.83
N7 GDO B 6 -2.47 6.00 0.24
C2 GDO B 6 0.00 8.70 -1.55
N SER C 2 11.54 20.65 19.00
CA SER C 2 12.13 21.33 17.80
C SER C 2 11.03 21.76 16.78
N SER C 3 10.89 21.04 15.67
CA SER C 3 10.08 21.54 14.53
C SER C 3 8.62 21.09 14.58
N MET C 4 7.73 21.95 14.08
CA MET C 4 6.32 21.60 13.89
C MET C 4 6.08 21.08 12.48
N SER C 5 5.44 19.93 12.36
CA SER C 5 5.14 19.28 11.07
C SER C 5 4.41 20.17 10.04
N TYR C 6 3.43 20.95 10.48
CA TYR C 6 2.69 21.84 9.58
C TYR C 6 2.36 23.19 10.23
N SER C 7 2.01 24.16 9.39
CA SER C 7 1.46 25.47 9.82
C SER C 7 0.21 25.70 9.00
N TRP C 8 -0.74 26.48 9.50
CA TRP C 8 -1.99 26.64 8.80
C TRP C 8 -2.54 28.03 8.78
N THR C 9 -2.82 28.51 7.58
CA THR C 9 -3.44 29.80 7.40
C THR C 9 -4.94 29.71 7.73
N GLY C 10 -5.48 28.51 7.82
CA GLY C 10 -6.90 28.33 8.07
C GLY C 10 -7.74 28.43 6.80
N ALA C 11 -7.09 28.38 5.63
CA ALA C 11 -7.77 28.28 4.36
C ALA C 11 -8.38 26.88 4.19
N LEU C 12 -9.49 26.79 3.47
CA LEU C 12 -10.16 25.50 3.19
C LEU C 12 -9.26 24.60 2.34
N ILE C 13 -9.33 23.28 2.58
CA ILE C 13 -8.73 22.32 1.67
C ILE C 13 -9.84 21.81 0.78
N THR C 14 -9.95 22.46 -0.37
CA THR C 14 -10.99 22.16 -1.34
C THR C 14 -10.77 20.79 -1.99
N PRO C 15 -11.86 20.20 -2.52
CA PRO C 15 -11.75 18.93 -3.23
C PRO C 15 -11.49 19.09 -4.74
N CYS C 16 -10.96 18.03 -5.36
CA CYS C 16 -10.82 17.95 -6.81
C CYS C 16 -12.17 17.50 -7.44
N SER C 17 -12.38 16.19 -7.45
CA SER C 17 -13.59 15.58 -8.04
C SER C 17 -14.79 15.76 -7.10
N PRO C 18 -15.76 16.62 -7.46
CA PRO C 18 -16.89 16.86 -6.55
C PRO C 18 -17.36 15.59 -5.85
N GLU C 19 -17.40 15.64 -4.52
CA GLU C 19 -17.84 14.51 -3.71
C GLU C 19 -19.29 14.23 -4.06
N GLU C 20 -19.64 12.95 -4.25
CA GLU C 20 -20.98 12.61 -4.77
C GLU C 20 -21.87 11.89 -3.77
N GLU C 21 -23.14 12.29 -3.73
CA GLU C 21 -24.11 11.71 -2.80
C GLU C 21 -24.39 10.26 -3.22
N LYS C 22 -24.51 9.37 -2.25
CA LYS C 22 -25.00 8.03 -2.55
C LYS C 22 -26.43 8.13 -3.07
N LEU C 23 -26.89 7.06 -3.71
CA LEU C 23 -28.22 7.02 -4.32
C LEU C 23 -29.11 6.04 -3.56
N PRO C 24 -30.43 6.13 -3.75
CA PRO C 24 -31.37 5.30 -3.01
C PRO C 24 -31.38 3.82 -3.36
N ILE C 25 -30.77 3.43 -4.46
CA ILE C 25 -30.68 2.02 -4.83
C ILE C 25 -29.26 1.73 -5.30
N ASN C 26 -28.63 0.73 -4.70
CA ASN C 26 -27.31 0.28 -5.10
C ASN C 26 -27.47 -1.08 -5.80
N PRO C 27 -27.73 -1.06 -7.12
CA PRO C 27 -28.21 -2.26 -7.80
C PRO C 27 -27.17 -3.36 -7.94
N LEU C 28 -25.90 -3.00 -8.02
CA LEU C 28 -24.84 -3.99 -8.16
C LEU C 28 -24.52 -4.73 -6.85
N SER C 29 -24.80 -4.09 -5.72
CA SER C 29 -24.31 -4.61 -4.43
C SER C 29 -25.38 -4.85 -3.38
N ASN C 30 -26.62 -4.47 -3.67
CA ASN C 30 -27.66 -4.67 -2.66
C ASN C 30 -28.04 -6.14 -2.46
N SER C 31 -27.44 -7.04 -3.22
CA SER C 31 -27.59 -8.47 -3.00
C SER C 31 -26.37 -9.05 -2.30
N LEU C 32 -25.29 -8.26 -2.30
CA LEU C 32 -24.05 -8.59 -1.63
C LEU C 32 -24.16 -8.34 -0.13
N LEU C 33 -24.73 -7.20 0.23
CA LEU C 33 -24.88 -6.83 1.64
C LEU C 33 -25.98 -5.79 1.82
N ARG C 34 -26.56 -5.75 3.02
CA ARG C 34 -27.73 -4.90 3.28
C ARG C 34 -27.44 -3.57 3.95
N TYR C 35 -26.38 -3.47 4.75
CA TYR C 35 -26.15 -2.27 5.59
C TYR C 35 -25.35 -1.15 4.91
N HIS C 36 -25.88 -0.63 3.83
CA HIS C 36 -25.24 0.44 3.09
C HIS C 36 -25.10 1.68 3.91
N ASN C 37 -25.96 1.81 4.93
CA ASN C 37 -25.88 2.94 5.84
C ASN C 37 -24.50 3.02 6.47
N LYS C 38 -23.87 1.87 6.68
CA LYS C 38 -22.54 1.82 7.29
C LYS C 38 -21.39 2.14 6.34
N VAL C 39 -21.62 2.14 5.03
CA VAL C 39 -20.53 2.30 4.09
C VAL C 39 -20.47 3.74 3.69
N TYR C 40 -19.32 4.38 3.90
CA TYR C 40 -19.16 5.83 3.71
C TYR C 40 -17.84 6.13 3.03
N CYS C 41 -17.74 7.34 2.52
CA CYS C 41 -16.55 7.84 1.86
C CYS C 41 -16.07 9.14 2.50
N THR C 42 -14.77 9.29 2.69
CA THR C 42 -14.21 10.45 3.36
C THR C 42 -14.33 11.77 2.54
N THR C 43 -15.10 12.72 3.09
CA THR C 43 -15.30 14.04 2.48
C THR C 43 -14.18 15.01 2.88
N SER C 44 -14.02 16.08 2.10
CA SER C 44 -12.97 17.08 2.35
C SER C 44 -13.34 18.05 3.46
N LYS C 45 -14.63 18.18 3.77
CA LYS C 45 -15.01 18.94 4.97
C LYS C 45 -14.37 18.27 6.22
N SER C 46 -14.05 16.98 6.12
CA SER C 46 -13.29 16.27 7.15
C SER C 46 -11.78 16.51 7.09
N ALA C 47 -11.32 17.33 6.15
CA ALA C 47 -9.88 17.60 6.00
C ALA C 47 -9.30 18.36 7.20
N SER C 48 -10.07 19.32 7.72
CA SER C 48 -9.73 20.04 8.96
C SER C 48 -9.37 19.10 10.08
N GLN C 49 -10.29 18.18 10.36
CA GLN C 49 -10.10 17.17 11.40
C GLN C 49 -8.77 16.43 11.25
N ARG C 50 -8.42 16.07 10.01
CA ARG C 50 -7.19 15.33 9.74
C ARG C 50 -5.96 16.13 10.12
N ALA C 51 -5.93 17.40 9.70
CA ALA C 51 -4.81 18.31 9.99
C ALA C 51 -4.46 18.38 11.49
N LYS C 52 -5.48 18.47 12.36
CA LYS C 52 -5.22 18.45 13.80
C LYS C 52 -4.42 17.16 14.16
N LYS C 53 -4.90 15.99 13.74
CA LYS C 53 -4.23 14.73 14.06
C LYS C 53 -2.75 14.72 13.63
N VAL C 54 -2.42 15.45 12.55
CA VAL C 54 -1.07 15.43 11.96
C VAL C 54 -0.17 16.66 12.26
N THR C 55 -0.74 17.73 12.82
CA THR C 55 0.03 18.91 13.16
C THR C 55 0.50 18.84 14.61
N PHE C 56 1.82 18.84 14.82
CA PHE C 56 2.40 18.63 16.15
C PHE C 56 3.92 18.69 16.14
N ASP C 57 4.51 18.91 17.31
CA ASP C 57 5.93 19.10 17.42
C ASP C 57 6.73 17.79 17.46
N ARG C 58 7.70 17.68 16.58
CA ARG C 58 8.67 16.58 16.62
C ARG C 58 9.90 17.10 17.34
N THR C 59 10.54 16.22 18.09
CA THR C 59 11.85 16.52 18.66
C THR C 59 12.64 15.21 18.62
N GLN C 60 13.88 15.29 18.17
CA GLN C 60 14.62 14.10 17.78
C GLN C 60 15.96 14.00 18.52
N VAL C 61 16.27 12.83 19.05
CA VAL C 61 17.56 12.60 19.72
C VAL C 61 18.17 11.29 19.25
N LEU C 62 19.17 11.40 18.40
CA LEU C 62 19.81 10.22 17.82
C LEU C 62 20.92 9.76 18.75
N ASP C 63 21.67 8.73 18.39
CA ASP C 63 22.69 8.20 19.31
C ASP C 63 23.65 7.21 18.69
N ALA C 64 24.68 6.85 19.44
CA ALA C 64 25.70 5.89 19.00
C ALA C 64 25.13 4.79 18.12
N HIS C 65 24.02 4.18 18.55
CA HIS C 65 23.39 3.09 17.81
C HIS C 65 22.97 3.50 16.42
N TYR C 66 22.13 4.52 16.34
CA TYR C 66 21.67 5.10 15.08
C TYR C 66 22.85 5.38 14.17
N ASP C 67 23.86 6.04 14.72
CA ASP C 67 24.99 6.45 13.92
C ASP C 67 25.66 5.26 13.28
N SER C 68 25.74 4.15 13.99
CA SER C 68 26.41 2.95 13.46
C SER C 68 25.65 2.34 12.27
N VAL C 69 24.33 2.42 12.33
CA VAL C 69 23.50 1.85 11.29
C VAL C 69 23.66 2.75 10.06
N LEU C 70 23.52 4.05 10.29
CA LEU C 70 23.64 5.06 9.23
C LEU C 70 24.96 4.95 8.50
N LYS C 71 26.08 4.87 9.24
CA LYS C 71 27.37 4.58 8.64
C LYS C 71 27.30 3.31 7.77
N ASP C 72 26.78 2.21 8.29
CA ASP C 72 26.75 0.95 7.50
C ASP C 72 25.95 1.08 6.21
N ILE C 73 24.96 1.98 6.22
CA ILE C 73 23.96 2.02 5.16
C ILE C 73 24.50 2.84 3.99
N LYS C 74 25.08 3.99 4.31
CA LYS C 74 25.90 4.71 3.36
C LYS C 74 26.96 3.80 2.69
N LEU C 75 27.63 2.95 3.44
CA LEU C 75 28.64 2.05 2.84
C LEU C 75 27.99 1.16 1.77
N ALA C 76 26.74 0.77 1.99
CA ALA C 76 25.98 -0.01 1.00
C ALA C 76 25.60 0.89 -0.16
N ALA C 77 25.15 2.11 0.14
CA ALA C 77 24.87 3.10 -0.89
C ALA C 77 26.07 3.31 -1.86
N SER C 78 27.29 3.29 -1.31
CA SER C 78 28.49 3.47 -2.13
C SER C 78 28.66 2.40 -3.24
N LYS C 79 28.12 1.20 -3.04
CA LYS C 79 28.27 0.15 -4.04
C LYS C 79 27.34 0.36 -5.26
N VAL C 80 26.45 1.37 -5.20
CA VAL C 80 25.49 1.68 -6.29
C VAL C 80 25.99 2.74 -7.28
N SER C 81 25.71 2.53 -8.55
CA SER C 81 25.97 3.55 -9.57
C SER C 81 24.66 3.88 -10.26
N ALA C 82 24.29 5.15 -10.27
CA ALA C 82 23.06 5.58 -10.88
C ALA C 82 23.35 6.57 -11.98
N ARG C 83 22.47 6.62 -12.99
CA ARG C 83 22.57 7.61 -14.07
C ARG C 83 21.41 8.57 -14.03
N LEU C 84 21.59 9.77 -14.56
CA LEU C 84 20.45 10.64 -14.88
C LEU C 84 19.59 9.99 -15.95
N LEU C 85 18.32 10.36 -15.95
CA LEU C 85 17.43 10.00 -17.04
C LEU C 85 17.33 11.23 -17.95
N THR C 86 17.34 11.00 -19.26
CA THR C 86 17.20 12.09 -20.22
C THR C 86 15.82 12.71 -20.00
N LEU C 87 15.73 14.02 -20.11
CA LEU C 87 14.43 14.69 -19.98
C LEU C 87 13.28 13.91 -20.64
N GLN C 88 13.59 13.31 -21.79
CA GLN C 88 12.59 12.56 -22.55
C GLN C 88 12.20 11.33 -21.80
N GLN C 89 13.19 10.53 -21.43
CA GLN C 89 12.96 9.33 -20.63
C GLN C 89 12.05 9.58 -19.41
N ALA C 90 12.25 10.71 -18.73
CA ALA C 90 11.37 11.10 -17.65
C ALA C 90 9.94 11.22 -18.12
N CYS C 91 9.73 11.95 -19.21
CA CYS C 91 8.39 12.19 -19.73
C CYS C 91 7.64 10.89 -20.02
N GLN C 92 8.36 9.91 -20.57
CA GLN C 92 7.75 8.63 -20.90
C GLN C 92 7.34 7.84 -19.66
N LEU C 93 7.87 8.20 -18.49
CA LEU C 93 7.48 7.54 -17.24
C LEU C 93 6.30 8.23 -16.54
N THR C 94 5.86 9.38 -17.05
CA THR C 94 4.66 10.03 -16.53
C THR C 94 3.42 9.17 -16.76
N PRO C 95 2.58 9.00 -15.74
CA PRO C 95 1.35 8.24 -15.98
C PRO C 95 0.39 8.96 -16.92
N PRO C 96 -0.45 8.20 -17.65
CA PRO C 96 -1.38 8.64 -18.67
C PRO C 96 -2.24 9.85 -18.37
N HIS C 97 -2.82 9.92 -17.18
CA HIS C 97 -3.73 11.02 -16.89
C HIS C 97 -3.25 11.86 -15.75
N SER C 98 -1.92 11.99 -15.63
CA SER C 98 -1.30 12.72 -14.54
C SER C 98 -1.79 14.17 -14.56
N ALA C 99 -2.20 14.70 -13.41
CA ALA C 99 -2.80 16.05 -13.33
C ALA C 99 -2.01 17.12 -14.10
N ARG C 100 -2.69 17.79 -15.00
CA ARG C 100 -2.07 18.73 -15.92
C ARG C 100 -1.30 19.81 -15.19
N SER C 101 -0.30 20.39 -15.87
CA SER C 101 0.45 21.48 -15.30
C SER C 101 -0.30 22.80 -15.34
N LYS C 102 0.05 23.67 -14.40
CA LYS C 102 -0.48 25.03 -14.28
C LYS C 102 -0.06 25.91 -15.47
N TYR C 103 0.97 25.48 -16.20
CA TYR C 103 1.47 26.22 -17.35
C TYR C 103 0.93 25.67 -18.68
N GLY C 104 -0.39 25.47 -18.72
CA GLY C 104 -1.08 25.04 -19.93
C GLY C 104 -0.51 23.86 -20.71
N PHE C 105 -0.29 22.73 -20.05
CA PHE C 105 -0.14 21.43 -20.75
C PHE C 105 -0.35 20.25 -19.80
N GLY C 106 -0.60 19.07 -20.38
CA GLY C 106 -0.96 17.89 -19.60
C GLY C 106 -0.10 16.66 -19.89
N ALA C 107 -0.58 15.51 -19.44
CA ALA C 107 0.17 14.27 -19.58
C ALA C 107 0.28 13.78 -21.03
N LYS C 108 -0.74 14.03 -21.87
CA LYS C 108 -0.69 13.59 -23.29
C LYS C 108 0.50 14.25 -23.99
N GLU C 109 0.56 15.57 -23.84
CA GLU C 109 1.67 16.39 -24.33
C GLU C 109 3.01 15.89 -23.78
N VAL C 110 3.09 15.72 -22.47
CA VAL C 110 4.31 15.24 -21.86
C VAL C 110 4.74 13.92 -22.50
N ARG C 111 3.87 12.91 -22.43
CA ARG C 111 4.21 11.58 -22.94
C ARG C 111 4.53 11.56 -24.45
N SER C 112 3.94 12.50 -25.20
CA SER C 112 4.18 12.60 -26.63
C SER C 112 5.29 13.61 -27.00
N LEU C 113 5.94 14.18 -25.98
CA LEU C 113 7.03 15.14 -26.15
C LEU C 113 6.62 16.44 -26.88
N SER C 114 5.38 16.87 -26.67
CA SER C 114 4.93 18.19 -27.06
C SER C 114 6.03 19.23 -26.81
N GLY C 115 6.12 20.21 -27.71
CA GLY C 115 7.04 21.33 -27.55
C GLY C 115 6.78 22.20 -26.33
N ARG C 116 5.57 22.77 -26.20
CA ARG C 116 5.23 23.58 -25.02
C ARG C 116 5.74 22.85 -23.79
N ALA C 117 5.42 21.55 -23.73
CA ALA C 117 5.83 20.69 -22.63
C ALA C 117 7.34 20.60 -22.51
N VAL C 118 8.00 20.07 -23.52
CA VAL C 118 9.45 19.84 -23.43
C VAL C 118 10.23 21.12 -23.20
N ASN C 119 9.65 22.27 -23.53
CA ASN C 119 10.30 23.54 -23.24
C ASN C 119 10.29 23.89 -21.76
N HIS C 120 9.09 23.99 -21.19
CA HIS C 120 8.90 24.36 -19.78
C HIS C 120 9.66 23.49 -18.82
N ILE C 121 9.78 22.19 -19.15
CA ILE C 121 10.48 21.28 -18.28
C ILE C 121 11.96 21.62 -18.28
N LYS C 122 12.52 21.87 -19.45
CA LYS C 122 13.93 22.32 -19.55
C LYS C 122 14.15 23.54 -18.64
N SER C 123 13.20 24.47 -18.68
CA SER C 123 13.28 25.66 -17.87
C SER C 123 13.26 25.30 -16.37
N VAL C 124 12.29 24.47 -15.98
CA VAL C 124 12.20 23.97 -14.61
C VAL C 124 13.51 23.36 -14.14
N TRP C 125 14.12 22.56 -15.00
CA TRP C 125 15.36 21.88 -14.68
C TRP C 125 16.52 22.80 -14.55
N LYS C 126 16.64 23.75 -15.47
CA LYS C 126 17.75 24.69 -15.43
C LYS C 126 17.73 25.45 -14.09
N ASP C 127 16.52 25.87 -13.70
CA ASP C 127 16.32 26.55 -12.42
C ASP C 127 16.74 25.71 -11.21
N LEU C 128 16.52 24.39 -11.25
CA LEU C 128 17.00 23.52 -10.17
C LEU C 128 18.51 23.56 -10.07
N LEU C 129 19.20 23.49 -11.19
CA LEU C 129 20.66 23.60 -11.21
C LEU C 129 21.13 25.03 -10.84
N GLU C 130 20.34 26.05 -11.15
CA GLU C 130 20.78 27.43 -10.91
C GLU C 130 20.24 28.05 -9.60
N ASP C 131 19.63 27.25 -8.73
CA ASP C 131 18.94 27.81 -7.56
C ASP C 131 18.55 26.70 -6.60
N PRO C 132 19.18 26.66 -5.40
CA PRO C 132 18.85 25.66 -4.42
C PRO C 132 18.24 26.16 -3.10
N GLN C 133 17.64 27.35 -3.06
CA GLN C 133 17.04 27.81 -1.79
C GLN C 133 15.53 27.99 -1.91
N THR C 134 15.04 28.52 -3.02
CA THR C 134 13.63 28.94 -3.06
C THR C 134 12.70 27.73 -2.89
N PRO C 135 11.81 27.79 -1.92
CA PRO C 135 10.90 26.69 -1.75
C PRO C 135 9.88 26.62 -2.89
N ILE C 136 9.75 25.43 -3.47
CA ILE C 136 8.80 25.14 -4.55
C ILE C 136 7.37 25.02 -4.03
N PRO C 137 6.45 25.82 -4.57
CA PRO C 137 5.07 25.73 -4.09
C PRO C 137 4.46 24.38 -4.46
N THR C 138 3.48 23.95 -3.67
CA THR C 138 2.86 22.64 -3.83
C THR C 138 1.37 22.76 -3.61
N THR C 139 0.63 21.74 -4.01
CA THR C 139 -0.83 21.73 -3.85
C THR C 139 -1.25 20.69 -2.82
N ILE C 140 -2.25 21.03 -2.01
CA ILE C 140 -2.77 20.13 -0.98
C ILE C 140 -4.22 19.77 -1.27
N MET C 141 -4.49 18.47 -1.29
CA MET C 141 -5.82 17.96 -1.58
C MET C 141 -6.17 16.85 -0.62
N ALA C 142 -7.47 16.55 -0.53
CA ALA C 142 -7.96 15.46 0.30
C ALA C 142 -8.25 14.24 -0.56
N LYS C 143 -7.60 13.12 -0.27
CA LYS C 143 -7.93 11.83 -0.91
C LYS C 143 -9.21 11.32 -0.30
N ASN C 144 -10.15 10.92 -1.14
CA ASN C 144 -11.40 10.31 -0.69
C ASN C 144 -11.29 8.81 -0.77
N GLU C 145 -11.33 8.14 0.37
CA GLU C 145 -11.35 6.67 0.40
C GLU C 145 -12.71 6.28 1.04
N VAL C 146 -13.12 5.03 0.80
CA VAL C 146 -14.39 4.48 1.30
C VAL C 146 -14.08 3.49 2.40
N PHE C 147 -14.81 3.58 3.52
CA PHE C 147 -14.66 2.63 4.66
C PHE C 147 -16.00 2.18 5.24
N CYS C 148 -15.94 1.35 6.27
CA CYS C 148 -17.12 0.93 6.99
C CYS C 148 -17.07 1.50 8.39
N VAL C 149 -18.17 2.10 8.85
CA VAL C 149 -18.17 2.79 10.15
C VAL C 149 -17.83 1.85 11.29
N ASP C 150 -16.73 2.15 11.98
CA ASP C 150 -16.36 1.44 13.20
C ASP C 150 -16.70 2.35 14.38
N PRO C 151 -17.67 1.94 15.21
CA PRO C 151 -17.97 2.79 16.38
C PRO C 151 -16.88 2.65 17.44
N ALA C 152 -16.42 1.41 17.66
CA ALA C 152 -15.26 1.14 18.51
C ALA C 152 -14.23 2.26 18.45
N LYS C 153 -13.83 2.63 17.23
CA LYS C 153 -12.78 3.64 17.03
C LYS C 153 -13.32 4.98 16.48
N GLY C 154 -14.43 5.46 17.06
CA GLY C 154 -14.89 6.85 16.88
C GLY C 154 -15.46 7.24 15.52
N GLY C 155 -16.59 6.63 15.15
CA GLY C 155 -17.34 6.99 13.94
C GLY C 155 -16.59 6.82 12.61
N LYS C 156 -16.15 7.94 12.03
CA LYS C 156 -15.64 7.98 10.67
C LYS C 156 -14.24 8.55 10.60
N LYS C 157 -13.38 7.93 9.79
CA LYS C 157 -12.05 8.45 9.55
C LYS C 157 -12.18 9.76 8.79
N PRO C 158 -11.24 10.69 9.02
CA PRO C 158 -11.15 11.88 8.21
C PRO C 158 -10.27 11.62 6.99
N ALA C 159 -10.44 12.45 5.96
CA ALA C 159 -9.79 12.23 4.69
C ALA C 159 -8.31 12.36 4.85
N ARG C 160 -7.56 11.58 4.06
CA ARG C 160 -6.11 11.65 4.05
C ARG C 160 -5.72 12.89 3.28
N LEU C 161 -4.55 13.44 3.59
CA LEU C 161 -4.09 14.66 2.93
C LEU C 161 -3.03 14.31 1.92
N ILE C 162 -3.15 14.94 0.75
CA ILE C 162 -2.25 14.70 -0.37
C ILE C 162 -1.53 15.99 -0.71
N VAL C 163 -0.23 15.91 -0.93
CA VAL C 163 0.56 17.09 -1.28
C VAL C 163 1.56 16.76 -2.36
N TYR C 164 1.50 17.54 -3.45
CA TYR C 164 2.32 17.32 -4.64
C TYR C 164 2.66 18.62 -5.38
N PRO C 165 3.76 18.62 -6.14
CA PRO C 165 4.10 19.76 -6.96
C PRO C 165 3.58 19.66 -8.38
N ASP C 166 3.63 20.77 -9.10
CA ASP C 166 3.28 20.84 -10.50
C ASP C 166 4.02 19.79 -11.35
N LEU C 167 3.31 19.30 -12.36
CA LEU C 167 3.77 18.23 -13.24
C LEU C 167 5.16 18.46 -13.83
N GLY C 168 5.47 19.72 -14.13
CA GLY C 168 6.80 20.09 -14.55
C GLY C 168 7.82 19.55 -13.58
N VAL C 169 7.63 19.86 -12.30
CA VAL C 169 8.60 19.47 -11.28
C VAL C 169 8.65 17.95 -11.14
N ARG C 170 7.47 17.31 -11.20
CA ARG C 170 7.38 15.83 -11.04
C ARG C 170 8.28 15.06 -11.99
N VAL C 171 8.33 15.53 -13.23
CA VAL C 171 9.16 14.91 -14.24
C VAL C 171 10.62 15.06 -13.87
N CYS C 172 11.00 16.26 -13.44
CA CYS C 172 12.41 16.50 -13.11
C CYS C 172 12.87 15.58 -12.00
N GLU C 173 12.07 15.51 -10.93
CA GLU C 173 12.35 14.55 -9.89
C GLU C 173 12.73 13.25 -10.53
N LYS C 174 11.90 12.75 -11.45
CA LYS C 174 12.22 11.50 -12.11
C LYS C 174 13.57 11.55 -12.82
N MET C 175 13.87 12.66 -13.49
CA MET C 175 15.14 12.82 -14.16
C MET C 175 16.26 12.54 -13.17
N ALA C 176 16.19 13.25 -12.05
CA ALA C 176 17.23 13.24 -11.01
C ALA C 176 17.35 11.92 -10.25
N LEU C 177 16.21 11.34 -9.91
CA LEU C 177 16.14 10.26 -8.92
C LEU C 177 15.69 8.90 -9.42
N TYR C 178 14.85 8.87 -10.46
CA TYR C 178 14.25 7.60 -10.86
C TYR C 178 15.22 6.41 -10.84
N ASP C 179 16.44 6.60 -11.32
CA ASP C 179 17.35 5.46 -11.39
C ASP C 179 17.73 4.97 -9.99
N ILE C 180 17.99 5.91 -9.08
CA ILE C 180 18.23 5.55 -7.68
C ILE C 180 17.06 4.74 -7.13
N THR C 181 15.85 5.24 -7.37
CA THR C 181 14.67 4.55 -6.88
C THR C 181 14.58 3.10 -7.41
N GLN C 182 15.19 2.80 -8.55
CA GLN C 182 15.19 1.40 -8.99
C GLN C 182 16.39 0.59 -8.48
N LYS C 183 17.41 1.26 -7.93
CA LYS C 183 18.64 0.55 -7.53
C LYS C 183 18.90 0.53 -6.02
N LEU C 184 18.69 1.66 -5.35
CA LEU C 184 19.17 1.89 -3.97
C LEU C 184 18.56 0.98 -2.91
N PRO C 185 17.22 0.98 -2.81
CA PRO C 185 16.58 0.17 -1.78
C PRO C 185 17.00 -1.28 -1.87
N GLN C 186 16.82 -1.89 -3.04
CA GLN C 186 17.20 -3.28 -3.22
C GLN C 186 18.64 -3.54 -2.73
N ALA C 187 19.44 -2.47 -2.53
CA ALA C 187 20.89 -2.54 -2.26
C ALA C 187 21.32 -2.13 -0.84
N VAL C 188 20.58 -1.24 -0.21
CA VAL C 188 20.80 -0.99 1.24
C VAL C 188 20.06 -2.01 2.14
N MET C 189 18.93 -2.56 1.69
CA MET C 189 18.08 -3.39 2.56
C MET C 189 17.95 -4.85 2.16
N GLY C 190 18.23 -5.17 0.91
CA GLY C 190 18.19 -6.54 0.44
C GLY C 190 16.89 -7.28 0.67
N ALA C 191 17.01 -8.47 1.26
CA ALA C 191 15.86 -9.32 1.56
C ALA C 191 14.75 -8.57 2.33
N SER C 192 15.11 -7.53 3.08
CA SER C 192 14.16 -6.82 3.93
C SER C 192 13.34 -5.74 3.23
N TYR C 193 13.66 -5.46 1.97
CA TYR C 193 12.84 -4.54 1.19
C TYR C 193 11.50 -5.22 0.87
N GLY C 194 10.41 -4.60 1.26
CA GLY C 194 9.10 -5.24 1.21
C GLY C 194 8.40 -5.32 -0.14
N PHE C 195 8.59 -4.32 -0.99
CA PHE C 195 7.79 -4.20 -2.20
C PHE C 195 8.16 -5.23 -3.25
N GLN C 196 9.41 -5.67 -3.26
CA GLN C 196 9.86 -6.75 -4.14
C GLN C 196 9.15 -8.13 -4.00
N TYR C 197 8.08 -8.24 -3.24
CA TYR C 197 7.53 -9.56 -2.99
C TYR C 197 6.08 -9.63 -3.32
N SER C 198 5.69 -10.65 -4.06
CA SER C 198 4.27 -10.95 -4.21
C SER C 198 3.80 -11.59 -2.92
N PRO C 199 2.53 -11.35 -2.56
CA PRO C 199 1.96 -11.98 -1.36
C PRO C 199 2.44 -13.41 -1.15
N ALA C 200 2.55 -14.20 -2.22
CA ALA C 200 3.03 -15.57 -2.10
C ALA C 200 4.41 -15.61 -1.45
N GLN C 201 5.27 -14.68 -1.83
CA GLN C 201 6.67 -14.73 -1.42
C GLN C 201 6.87 -13.98 -0.11
N ARG C 202 6.00 -13.01 0.17
CA ARG C 202 5.96 -12.39 1.48
C ARG C 202 5.81 -13.54 2.46
N VAL C 203 4.76 -14.35 2.27
CA VAL C 203 4.52 -15.50 3.11
C VAL C 203 5.74 -16.41 3.19
N GLU C 204 6.38 -16.67 2.07
CA GLU C 204 7.53 -17.58 2.01
C GLU C 204 8.73 -17.04 2.84
N TYR C 205 8.96 -15.76 2.74
CA TYR C 205 9.97 -15.07 3.54
C TYR C 205 9.66 -15.20 5.03
N LEU C 206 8.48 -14.74 5.41
CA LEU C 206 8.05 -14.76 6.80
C LEU C 206 8.16 -16.14 7.40
N LEU C 207 7.73 -17.15 6.67
CA LEU C 207 7.96 -18.52 7.08
C LEU C 207 9.44 -18.87 7.23
N LYS C 208 10.27 -18.52 6.24
CA LYS C 208 11.70 -18.92 6.28
C LYS C 208 12.34 -18.28 7.51
N ALA C 209 11.95 -17.02 7.77
CA ALA C 209 12.45 -16.23 8.89
C ALA C 209 12.06 -16.88 10.20
N TRP C 210 10.79 -17.21 10.31
CA TRP C 210 10.27 -17.87 11.48
C TRP C 210 10.89 -19.24 11.68
N ALA C 211 11.18 -19.91 10.58
CA ALA C 211 11.69 -21.28 10.61
C ALA C 211 13.08 -21.31 11.21
N GLU C 212 13.86 -20.28 10.93
CA GLU C 212 15.29 -20.30 11.20
C GLU C 212 15.68 -19.74 12.57
N LYS C 213 14.71 -19.40 13.39
CA LYS C 213 14.97 -18.99 14.76
C LYS C 213 14.77 -20.23 15.65
N LYS C 214 15.66 -20.45 16.63
CA LYS C 214 15.49 -21.56 17.60
C LYS C 214 14.16 -21.43 18.36
N ASP C 215 13.79 -20.20 18.73
CA ASP C 215 12.65 -19.97 19.60
C ASP C 215 12.09 -18.61 19.27
N PRO C 216 11.34 -18.53 18.17
CA PRO C 216 11.02 -17.29 17.48
C PRO C 216 10.09 -16.37 18.22
N MET C 217 10.14 -15.09 17.88
CA MET C 217 9.23 -14.12 18.42
C MET C 217 9.11 -13.02 17.42
N GLY C 218 7.90 -12.55 17.21
CA GLY C 218 7.69 -11.55 16.20
C GLY C 218 6.76 -10.48 16.66
N PHE C 219 6.88 -9.32 16.04
CA PHE C 219 5.99 -8.25 16.31
C PHE C 219 5.97 -7.32 15.12
N SER C 220 4.97 -6.47 15.08
CA SER C 220 4.86 -5.50 14.02
C SER C 220 4.68 -4.12 14.63
N TYR C 221 5.24 -3.12 13.94
CA TYR C 221 5.29 -1.77 14.42
C TYR C 221 4.58 -0.91 13.39
N ASP C 222 3.43 -0.36 13.79
CA ASP C 222 2.67 0.54 12.94
C ASP C 222 2.98 1.96 13.38
N THR C 223 3.12 2.87 12.41
CA THR C 223 3.17 4.30 12.71
C THR C 223 2.20 5.05 11.77
N ARG C 224 0.93 5.12 12.18
CA ARG C 224 -0.14 5.64 11.31
C ARG C 224 -0.03 7.13 10.96
N CYS C 225 1.03 7.80 11.40
CA CYS C 225 1.34 9.17 10.97
C CYS C 225 2.81 9.34 10.61
N PHE C 226 3.48 8.25 10.22
CA PHE C 226 4.92 8.25 9.93
C PHE C 226 5.38 9.43 9.07
N ASP C 227 4.57 9.77 8.08
CA ASP C 227 4.87 10.89 7.21
C ASP C 227 5.00 12.22 7.95
N SER C 228 4.13 12.45 8.92
CA SER C 228 4.17 13.66 9.75
C SER C 228 5.38 13.69 10.65
N THR C 229 5.80 12.52 11.14
CA THR C 229 6.92 12.43 12.06
C THR C 229 8.29 12.39 11.39
N VAL C 230 8.35 12.46 10.05
CA VAL C 230 9.64 12.54 9.38
C VAL C 230 10.19 13.95 9.52
N THR C 231 11.42 14.07 9.99
CA THR C 231 11.98 15.39 10.26
C THR C 231 12.87 15.90 9.14
N GLU C 232 12.98 17.23 9.11
CA GLU C 232 13.76 17.89 8.12
C GLU C 232 15.14 17.25 8.08
N ARG C 233 15.65 16.84 9.24
CA ARG C 233 16.98 16.23 9.31
C ARG C 233 17.02 14.83 8.69
N ASP C 234 15.94 14.06 8.88
CA ASP C 234 15.85 12.72 8.30
C ASP C 234 15.88 12.83 6.79
N ILE C 235 15.18 13.83 6.29
CA ILE C 235 15.12 14.08 4.85
C ILE C 235 16.50 14.39 4.30
N ARG C 236 17.19 15.36 4.90
CA ARG C 236 18.55 15.67 4.51
C ARG C 236 19.44 14.45 4.68
N THR C 237 19.19 13.64 5.71
CA THR C 237 19.97 12.42 5.91
C THR C 237 19.73 11.49 4.73
N GLU C 238 18.49 11.50 4.24
CA GLU C 238 18.16 10.73 3.04
C GLU C 238 18.99 11.20 1.87
N GLU C 239 19.02 12.52 1.64
CA GLU C 239 19.87 13.04 0.57
C GLU C 239 21.27 12.44 0.69
N SER C 240 21.82 12.59 1.89
CA SER C 240 23.14 12.11 2.23
C SER C 240 23.30 10.66 1.82
N ILE C 241 22.27 9.85 2.03
CA ILE C 241 22.33 8.46 1.59
C ILE C 241 22.37 8.40 0.05
N TYR C 242 21.58 9.25 -0.60
CA TYR C 242 21.56 9.27 -2.07
C TYR C 242 22.95 9.65 -2.62
N GLN C 243 23.54 10.70 -2.04
CA GLN C 243 24.82 11.23 -2.52
C GLN C 243 25.97 10.21 -2.36
N ALA C 244 25.86 9.32 -1.40
CA ALA C 244 26.87 8.28 -1.21
C ALA C 244 27.06 7.28 -2.38
N CYS C 245 26.33 7.45 -3.50
CA CYS C 245 26.47 6.56 -4.68
C CYS C 245 27.27 7.23 -5.79
N SER C 246 27.63 6.43 -6.79
CA SER C 246 28.19 6.96 -8.04
C SER C 246 27.12 7.79 -8.76
N LEU C 247 27.35 9.11 -8.80
CA LEU C 247 26.42 10.06 -9.41
C LEU C 247 27.15 11.21 -10.13
N PRO C 248 26.67 11.57 -11.34
CA PRO C 248 27.23 12.71 -12.06
C PRO C 248 26.89 14.05 -11.42
N GLU C 249 27.81 14.99 -11.52
CA GLU C 249 27.75 16.22 -10.74
C GLU C 249 26.42 16.93 -10.97
N GLU C 250 25.86 16.76 -12.16
CA GLU C 250 24.57 17.39 -12.51
C GLU C 250 23.44 16.75 -11.66
N ALA C 251 23.48 15.43 -11.55
CA ALA C 251 22.53 14.71 -10.76
C ALA C 251 22.63 15.22 -9.33
N ARG C 252 23.86 15.35 -8.83
CA ARG C 252 24.08 15.72 -7.44
C ARG C 252 23.53 17.08 -7.10
N THR C 253 23.74 18.05 -7.98
CA THR C 253 23.28 19.41 -7.72
C THR C 253 21.76 19.42 -7.62
N ALA C 254 21.15 18.60 -8.48
CA ALA C 254 19.71 18.61 -8.67
C ALA C 254 19.02 17.95 -7.49
N ILE C 255 19.55 16.80 -7.11
CA ILE C 255 19.05 16.10 -5.94
C ILE C 255 19.07 17.00 -4.72
N HIS C 256 20.19 17.70 -4.56
CA HIS C 256 20.34 18.60 -3.44
C HIS C 256 19.32 19.67 -3.53
N SER C 257 19.18 20.23 -4.70
CA SER C 257 18.28 21.35 -4.87
C SER C 257 16.85 20.88 -4.59
N LEU C 258 16.53 19.66 -5.06
CA LEU C 258 15.22 19.08 -4.81
C LEU C 258 14.99 18.90 -3.32
N THR C 259 15.96 18.31 -2.63
CA THR C 259 15.88 18.12 -1.18
C THR C 259 15.56 19.41 -0.43
N GLU C 260 16.28 20.49 -0.74
CA GLU C 260 16.10 21.72 0.01
C GLU C 260 14.82 22.42 -0.35
N ARG C 261 14.42 22.34 -1.61
CA ARG C 261 13.33 23.17 -2.10
C ARG C 261 11.97 22.50 -2.02
N LEU C 262 11.96 21.16 -2.01
CA LEU C 262 10.73 20.39 -2.08
C LEU C 262 10.63 19.40 -0.94
N TYR C 263 11.57 18.48 -0.89
CA TYR C 263 11.48 17.35 0.00
C TYR C 263 11.45 17.68 1.49
N VAL C 264 12.04 18.80 1.84
CA VAL C 264 12.13 19.23 3.23
C VAL C 264 10.89 20.04 3.64
N GLY C 265 10.28 20.75 2.71
CA GLY C 265 9.12 21.55 3.06
C GLY C 265 8.72 22.55 2.01
N GLY C 266 7.80 23.43 2.39
CA GLY C 266 7.38 24.52 1.55
C GLY C 266 5.93 24.85 1.76
N PRO C 267 5.47 25.89 1.07
CA PRO C 267 4.07 26.26 1.16
C PRO C 267 3.15 25.31 0.38
N MET C 268 1.90 25.29 0.82
CA MET C 268 0.89 24.47 0.20
C MET C 268 -0.25 25.41 -0.15
N PHE C 269 -0.92 25.12 -1.25
CA PHE C 269 -2.01 25.94 -1.74
C PHE C 269 -3.16 25.02 -2.07
N ASN C 270 -4.39 25.47 -1.82
CA ASN C 270 -5.56 24.68 -2.18
C ASN C 270 -5.83 24.80 -3.68
N SER C 271 -6.80 24.04 -4.20
CA SER C 271 -7.13 24.13 -5.63
C SER C 271 -7.59 25.54 -6.00
N LYS C 272 -8.36 26.18 -5.11
CA LYS C 272 -8.71 27.58 -5.31
C LYS C 272 -7.45 28.49 -5.44
N GLY C 273 -6.31 28.09 -4.89
CA GLY C 273 -5.08 28.88 -5.03
C GLY C 273 -4.64 29.61 -3.77
N GLN C 274 -5.52 29.66 -2.76
CA GLN C 274 -5.19 30.31 -1.49
C GLN C 274 -4.04 29.62 -0.78
N THR C 275 -3.14 30.40 -0.17
CA THR C 275 -2.09 29.81 0.66
C THR C 275 -2.78 29.07 1.79
N CYS C 276 -2.49 27.78 1.92
CA CYS C 276 -3.19 26.91 2.86
C CYS C 276 -2.35 26.65 4.10
N GLY C 277 -1.04 26.67 3.95
CA GLY C 277 -0.17 26.35 5.05
C GLY C 277 1.24 26.12 4.59
N TYR C 278 2.10 25.72 5.52
CA TYR C 278 3.49 25.38 5.24
C TYR C 278 3.75 24.01 5.83
N ARG C 279 4.66 23.25 5.21
CA ARG C 279 4.93 21.87 5.59
C ARG C 279 6.38 21.69 5.96
N ARG C 280 6.65 20.86 6.97
CA ARG C 280 8.02 20.55 7.38
C ARG C 280 8.23 19.05 7.59
N CYS C 281 7.51 18.27 6.80
CA CYS C 281 7.65 16.83 6.87
C CYS C 281 7.52 16.23 5.47
N ARG C 282 7.21 14.94 5.39
CA ARG C 282 7.08 14.25 4.13
C ARG C 282 5.90 14.80 3.31
N ALA C 283 6.12 14.97 2.01
CA ALA C 283 5.00 15.13 1.07
C ALA C 283 4.70 13.76 0.47
N SER C 284 3.41 13.42 0.42
CA SER C 284 2.95 12.16 -0.12
C SER C 284 3.26 12.05 -1.61
N GLY C 285 3.04 13.15 -2.33
CA GLY C 285 3.09 13.16 -3.79
C GLY C 285 4.43 13.15 -4.50
N VAL C 286 5.52 13.22 -3.77
CA VAL C 286 6.83 13.28 -4.42
C VAL C 286 7.41 11.88 -4.68
N LEU C 287 8.42 11.84 -5.55
CA LEU C 287 8.98 10.58 -6.04
C LEU C 287 9.58 9.77 -4.90
N THR C 288 10.40 10.44 -4.08
CA THR C 288 11.19 9.78 -3.05
C THR C 288 10.42 9.21 -1.87
N THR C 289 9.14 9.58 -1.71
CA THR C 289 8.42 9.24 -0.49
C THR C 289 8.51 7.76 -0.14
N SER C 290 8.06 6.92 -1.04
CA SER C 290 7.99 5.50 -0.77
C SER C 290 9.36 4.95 -0.41
N MET C 291 10.36 5.34 -1.20
CA MET C 291 11.77 4.96 -0.99
C MET C 291 12.31 5.53 0.31
N GLY C 292 12.03 6.80 0.54
CA GLY C 292 12.52 7.52 1.70
C GLY C 292 12.03 6.87 2.97
N ASN C 293 10.71 6.77 3.10
CA ASN C 293 10.14 6.15 4.28
C ASN C 293 10.73 4.78 4.52
N THR C 294 10.82 3.98 3.47
CA THR C 294 11.38 2.68 3.65
C THR C 294 12.79 2.75 4.25
N ILE C 295 13.65 3.52 3.64
CA ILE C 295 15.06 3.53 4.06
C ILE C 295 15.18 4.11 5.46
N THR C 296 14.53 5.24 5.68
CA THR C 296 14.51 5.86 7.00
C THR C 296 13.99 4.93 8.09
N CYS C 297 12.83 4.35 7.85
CA CYS C 297 12.27 3.38 8.76
C CYS C 297 13.26 2.26 9.06
N TYR C 298 14.00 1.83 8.06
CA TYR C 298 15.02 0.80 8.25
C TYR C 298 16.16 1.23 9.16
N VAL C 299 16.67 2.43 8.92
CA VAL C 299 17.78 2.94 9.73
C VAL C 299 17.33 2.98 11.18
N LYS C 300 16.25 3.73 11.42
CA LYS C 300 15.68 3.84 12.76
C LYS C 300 15.41 2.46 13.39
N ALA C 301 14.52 1.68 12.77
CA ALA C 301 14.15 0.35 13.28
C ALA C 301 15.36 -0.47 13.70
N LEU C 302 16.37 -0.45 12.86
CA LEU C 302 17.51 -1.31 13.10
C LEU C 302 18.33 -0.76 14.26
N ALA C 303 18.41 0.57 14.35
CA ALA C 303 19.06 1.21 15.48
C ALA C 303 18.36 0.74 16.73
N ALA C 304 17.03 0.88 16.73
CA ALA C 304 16.19 0.49 17.84
C ALA C 304 16.42 -0.95 18.27
N CYS C 305 16.54 -1.88 17.34
CA CYS C 305 16.80 -3.26 17.74
C CYS C 305 18.07 -3.39 18.53
N LYS C 306 19.12 -2.68 18.10
CA LYS C 306 20.37 -2.71 18.82
C LYS C 306 20.23 -2.06 20.20
N ALA C 307 19.55 -0.92 20.26
CA ALA C 307 19.31 -0.22 21.52
C ALA C 307 18.52 -1.07 22.50
N ALA C 308 17.61 -1.89 21.99
CA ALA C 308 16.66 -2.60 22.83
C ALA C 308 17.16 -3.98 23.15
N GLY C 309 18.08 -4.49 22.37
CA GLY C 309 18.63 -5.81 22.61
C GLY C 309 17.84 -6.92 21.94
N ILE C 310 17.22 -6.64 20.80
CA ILE C 310 16.51 -7.66 20.03
C ILE C 310 17.55 -8.54 19.32
N VAL C 311 17.54 -9.83 19.60
CA VAL C 311 18.56 -10.73 19.06
C VAL C 311 18.13 -11.35 17.72
N ALA C 312 19.07 -11.44 16.78
CA ALA C 312 18.89 -12.16 15.53
C ALA C 312 17.69 -11.68 14.72
N PRO C 313 17.51 -10.35 14.63
CA PRO C 313 16.31 -9.80 14.08
C PRO C 313 16.32 -9.91 12.56
N THR C 314 15.20 -10.37 12.01
CA THR C 314 14.91 -10.37 10.57
C THR C 314 13.76 -9.43 10.34
N MET C 315 13.90 -8.57 9.33
CA MET C 315 12.98 -7.47 9.15
C MET C 315 12.24 -7.53 7.83
N LEU C 316 11.13 -6.79 7.76
CA LEU C 316 10.39 -6.61 6.52
C LEU C 316 9.76 -5.26 6.57
N VAL C 317 10.01 -4.44 5.55
CA VAL C 317 9.53 -3.06 5.55
C VAL C 317 8.68 -2.76 4.32
N CYS C 318 7.37 -2.60 4.53
CA CYS C 318 6.42 -2.14 3.50
C CYS C 318 6.11 -0.64 3.74
N GLY C 319 7.13 0.23 3.65
CA GLY C 319 6.95 1.68 3.87
C GLY C 319 6.93 2.12 5.34
N ASP C 320 5.74 2.46 5.85
CA ASP C 320 5.52 2.73 7.29
C ASP C 320 5.41 1.45 8.13
N ASP C 321 4.67 0.45 7.60
CA ASP C 321 4.41 -0.82 8.30
C ASP C 321 5.68 -1.68 8.29
N LEU C 322 5.96 -2.32 9.42
CA LEU C 322 7.23 -2.99 9.63
C LEU C 322 7.06 -4.18 10.56
N VAL C 323 7.60 -5.34 10.15
CA VAL C 323 7.60 -6.56 10.97
C VAL C 323 9.01 -6.98 11.31
N VAL C 324 9.22 -7.42 12.56
CA VAL C 324 10.50 -7.98 13.01
C VAL C 324 10.32 -9.38 13.57
N ILE C 325 11.18 -10.32 13.19
CA ILE C 325 11.13 -11.68 13.75
C ILE C 325 12.46 -12.07 14.38
N SER C 326 12.46 -12.20 15.71
CA SER C 326 13.69 -12.31 16.47
C SER C 326 13.76 -13.58 17.29
N GLU C 327 14.84 -13.75 18.04
CA GLU C 327 14.95 -14.83 19.02
C GLU C 327 14.36 -14.40 20.35
N SER C 328 13.45 -15.22 20.88
CA SER C 328 12.83 -14.88 22.15
C SER C 328 13.87 -14.99 23.22
N GLN C 329 13.87 -14.01 24.11
CA GLN C 329 14.73 -14.01 25.27
C GLN C 329 13.88 -14.25 26.53
N GLY C 330 12.78 -14.99 26.36
CA GLY C 330 11.80 -15.14 27.41
C GLY C 330 10.75 -14.04 27.38
N THR C 331 9.53 -14.40 27.74
CA THR C 331 8.44 -13.47 27.59
C THR C 331 8.70 -12.29 28.48
N GLU C 332 9.34 -12.56 29.61
CA GLU C 332 9.68 -11.51 30.57
C GLU C 332 10.62 -10.47 29.89
N GLU C 333 11.75 -10.93 29.35
CA GLU C 333 12.67 -10.01 28.64
C GLU C 333 12.00 -9.44 27.40
N ASP C 334 11.42 -10.31 26.57
CA ASP C 334 10.76 -9.88 25.34
C ASP C 334 9.85 -8.66 25.59
N GLU C 335 9.03 -8.66 26.64
CA GLU C 335 8.15 -7.49 26.88
C GLU C 335 8.98 -6.26 27.24
N ARG C 336 10.05 -6.44 28.02
CA ARG C 336 10.94 -5.30 28.34
C ARG C 336 11.53 -4.72 27.06
N ASN C 337 12.28 -5.55 26.33
CA ASN C 337 12.96 -5.14 25.09
C ASN C 337 12.08 -4.40 24.08
N LEU C 338 10.83 -4.81 23.94
CA LEU C 338 9.91 -4.16 23.03
C LEU C 338 9.59 -2.75 23.52
N ARG C 339 9.36 -2.60 24.81
CA ARG C 339 9.05 -1.29 25.35
C ARG C 339 10.24 -0.39 25.04
N ALA C 340 11.45 -0.94 25.16
CA ALA C 340 12.70 -0.23 24.84
C ALA C 340 12.68 0.25 23.38
N PHE C 341 12.57 -0.73 22.47
CA PHE C 341 12.38 -0.48 21.05
C PHE C 341 11.49 0.73 20.85
N THR C 342 10.30 0.68 21.43
CA THR C 342 9.38 1.81 21.28
C THR C 342 9.96 3.14 21.79
N GLU C 343 10.63 3.12 22.94
CA GLU C 343 11.24 4.36 23.45
C GLU C 343 12.32 4.83 22.48
N ALA C 344 13.13 3.89 21.99
CA ALA C 344 14.18 4.19 21.04
C ALA C 344 13.56 4.88 19.85
N MET C 345 12.67 4.18 19.17
CA MET C 345 11.99 4.73 18.00
C MET C 345 11.37 6.07 18.37
N THR C 346 10.73 6.18 19.53
CA THR C 346 10.08 7.44 19.91
C THR C 346 11.09 8.61 19.99
N ARG C 347 12.29 8.32 20.50
CA ARG C 347 13.39 9.29 20.48
C ARG C 347 13.83 9.60 19.06
N TYR C 348 13.78 8.58 18.21
CA TYR C 348 14.15 8.74 16.83
C TYR C 348 13.11 9.49 15.99
N SER C 349 12.06 9.95 16.65
CA SER C 349 10.91 10.58 16.02
C SER C 349 10.15 9.65 15.10
N ALA C 350 9.90 8.44 15.59
CA ALA C 350 9.09 7.43 14.90
C ALA C 350 8.23 6.75 15.95
N PRO C 351 7.36 7.51 16.62
CA PRO C 351 6.46 6.90 17.58
C PRO C 351 5.49 5.91 16.92
N PRO C 352 4.78 5.11 17.72
CA PRO C 352 3.73 4.23 17.20
C PRO C 352 2.33 4.78 17.43
N GLY C 353 1.34 4.14 16.82
CA GLY C 353 -0.06 4.40 17.12
C GLY C 353 -0.42 3.62 18.37
N ASP C 354 -0.36 2.30 18.27
CA ASP C 354 -0.68 1.41 19.39
C ASP C 354 0.61 0.69 19.73
N PRO C 355 0.93 0.58 21.03
CA PRO C 355 2.22 -0.05 21.32
C PRO C 355 2.27 -1.41 20.69
N PRO C 356 3.46 -1.86 20.29
CA PRO C 356 3.60 -3.24 19.86
C PRO C 356 3.48 -4.21 21.02
N ARG C 357 3.21 -5.46 20.69
CA ARG C 357 3.19 -6.53 21.67
C ARG C 357 3.96 -7.71 21.11
N PRO C 358 4.66 -8.47 21.96
CA PRO C 358 5.27 -9.68 21.43
C PRO C 358 4.25 -10.73 21.15
N GLU C 359 4.46 -11.48 20.07
CA GLU C 359 3.63 -12.64 19.74
C GLU C 359 4.51 -13.81 19.37
N TYR C 360 3.96 -15.01 19.56
CA TYR C 360 4.70 -16.24 19.36
C TYR C 360 3.95 -17.20 18.43
N ASP C 361 3.10 -16.64 17.57
CA ASP C 361 2.29 -17.40 16.64
C ASP C 361 2.12 -16.49 15.45
N LEU C 362 2.47 -17.02 14.28
CA LEU C 362 2.61 -16.19 13.09
C LEU C 362 1.29 -15.60 12.61
N GLU C 363 0.19 -16.27 12.96
CA GLU C 363 -1.15 -15.85 12.55
C GLU C 363 -1.52 -14.51 13.19
N LEU C 364 -0.80 -14.09 14.22
CA LEU C 364 -1.20 -12.92 15.00
C LEU C 364 -0.35 -11.68 14.73
N ILE C 365 0.35 -11.64 13.60
CA ILE C 365 1.24 -10.52 13.29
C ILE C 365 0.75 -9.76 12.06
N THR C 366 -0.16 -8.81 12.28
CA THR C 366 -0.68 -7.99 11.17
C THR C 366 0.40 -7.10 10.57
N SER C 367 0.72 -7.25 9.29
CA SER C 367 1.37 -6.14 8.55
C SER C 367 1.48 -6.29 7.03
N CYS C 368 1.70 -5.11 6.43
CA CYS C 368 1.49 -4.83 5.01
C CYS C 368 -0.04 -4.83 4.83
N SER C 369 -0.71 -4.48 5.94
CA SER C 369 -2.18 -4.44 6.06
C SER C 369 -2.92 -5.79 5.98
N SER C 370 -2.15 -6.87 6.10
CA SER C 370 -2.63 -8.23 5.92
C SER C 370 -1.95 -9.17 6.92
N ASN C 371 -2.31 -10.44 6.91
CA ASN C 371 -1.61 -11.44 7.73
C ASN C 371 -1.51 -12.83 7.11
N VAL C 372 -0.60 -13.63 7.66
CA VAL C 372 -0.43 -14.99 7.21
C VAL C 372 -1.39 -15.87 8.01
N SER C 373 -1.97 -16.84 7.32
CA SER C 373 -2.87 -17.76 7.95
C SER C 373 -2.67 -19.09 7.27
N VAL C 374 -3.45 -20.07 7.70
CA VAL C 374 -3.22 -21.43 7.27
C VAL C 374 -4.54 -22.16 7.01
N ALA C 375 -4.57 -22.94 5.92
CA ALA C 375 -5.55 -24.00 5.75
C ALA C 375 -4.88 -25.22 5.14
N LEU C 376 -5.70 -26.26 4.93
CA LEU C 376 -5.22 -27.54 4.43
C LEU C 376 -5.44 -27.62 2.93
N GLY C 377 -4.42 -28.07 2.21
CA GLY C 377 -4.53 -28.33 0.79
C GLY C 377 -5.28 -29.62 0.50
N PRO C 378 -5.24 -30.04 -0.77
CA PRO C 378 -6.04 -31.18 -1.23
C PRO C 378 -5.57 -32.51 -0.67
N ARG C 379 -4.26 -32.66 -0.44
CA ARG C 379 -3.69 -33.91 0.10
C ARG C 379 -3.57 -33.90 1.64
N GLY C 380 -4.02 -32.83 2.30
CA GLY C 380 -3.90 -32.71 3.76
C GLY C 380 -2.70 -31.89 4.24
N ARG C 381 -1.82 -31.51 3.31
CA ARG C 381 -0.63 -30.70 3.63
C ARG C 381 -1.09 -29.29 4.05
N ARG C 382 -0.34 -28.62 4.92
CA ARG C 382 -0.68 -27.26 5.37
C ARG C 382 -0.36 -26.27 4.27
N ARG C 383 -1.30 -25.38 3.95
CA ARG C 383 -1.05 -24.34 2.96
C ARG C 383 -1.04 -22.96 3.66
N TYR C 384 0.07 -22.24 3.52
CA TYR C 384 0.18 -20.93 4.18
C TYR C 384 -0.11 -19.84 3.15
N TYR C 385 -0.87 -18.82 3.55
CA TYR C 385 -1.39 -17.89 2.57
C TYR C 385 -1.69 -16.54 3.17
N LEU C 386 -1.79 -15.53 2.33
CA LEU C 386 -1.96 -14.17 2.83
C LEU C 386 -3.43 -13.82 2.85
N THR C 387 -3.84 -13.10 3.90
CA THR C 387 -5.25 -12.72 4.10
C THR C 387 -5.36 -11.40 4.86
N ARG C 388 -6.57 -10.92 5.04
CA ARG C 388 -6.80 -9.75 5.86
C ARG C 388 -8.24 -9.71 6.34
N ASP C 389 -8.53 -8.73 7.18
CA ASP C 389 -9.90 -8.49 7.57
C ASP C 389 -10.57 -8.07 6.27
N PRO C 390 -11.77 -8.57 6.00
CA PRO C 390 -12.50 -8.22 4.79
C PRO C 390 -13.43 -7.05 4.88
N THR C 391 -13.41 -6.33 6.00
CA THR C 391 -14.40 -5.29 6.20
C THR C 391 -14.28 -4.22 5.13
N THR C 392 -13.14 -3.56 5.02
CA THR C 392 -13.01 -2.55 3.98
C THR C 392 -13.28 -3.10 2.59
N PRO C 393 -12.65 -4.22 2.20
CA PRO C 393 -12.95 -4.82 0.88
C PRO C 393 -14.44 -4.97 0.62
N LEU C 394 -15.19 -5.47 1.60
CA LEU C 394 -16.63 -5.52 1.47
C LEU C 394 -17.27 -4.12 1.40
N ALA C 395 -16.88 -3.20 2.28
CA ALA C 395 -17.43 -1.84 2.20
C ALA C 395 -17.29 -1.27 0.79
N ARG C 396 -16.11 -1.37 0.23
CA ARG C 396 -15.82 -0.86 -1.08
C ARG C 396 -16.54 -1.64 -2.15
N ALA C 397 -16.61 -2.94 -1.99
CA ALA C 397 -17.45 -3.76 -2.85
C ALA C 397 -18.86 -3.19 -3.00
N ALA C 398 -19.27 -2.33 -2.07
CA ALA C 398 -20.64 -1.83 -2.00
C ALA C 398 -20.75 -0.38 -2.35
N TRP C 399 -19.67 0.22 -2.83
CA TRP C 399 -19.70 1.63 -3.18
C TRP C 399 -20.08 1.86 -4.61
N GLU C 400 -21.27 2.41 -4.83
CA GLU C 400 -21.78 2.74 -6.18
C GLU C 400 -22.27 4.18 -6.25
N THR C 401 -21.77 4.93 -7.23
CA THR C 401 -22.26 6.28 -7.49
C THR C 401 -22.39 6.49 -8.99
N VAL C 402 -22.87 7.66 -9.40
CA VAL C 402 -23.08 7.90 -10.83
C VAL C 402 -21.74 7.76 -11.56
N ARG C 403 -20.66 8.23 -10.94
CA ARG C 403 -19.34 8.21 -11.55
C ARG C 403 -18.43 7.07 -11.02
N HIS C 404 -18.97 6.08 -10.33
CA HIS C 404 -18.16 4.97 -9.83
C HIS C 404 -18.83 3.62 -9.79
N SER C 405 -18.14 2.58 -10.24
CA SER C 405 -18.59 1.18 -10.17
C SER C 405 -17.61 0.35 -9.34
N PRO C 406 -18.11 -0.59 -8.56
CA PRO C 406 -17.18 -1.31 -7.71
C PRO C 406 -16.63 -2.59 -8.33
N ILE C 407 -17.09 -2.93 -9.53
CA ILE C 407 -16.76 -4.22 -10.09
C ILE C 407 -15.26 -4.41 -10.13
N ASN C 408 -14.55 -3.33 -10.42
CA ASN C 408 -13.09 -3.41 -10.45
C ASN C 408 -12.49 -3.81 -9.11
N SER C 409 -12.96 -3.17 -8.04
CA SER C 409 -12.60 -3.57 -6.66
C SER C 409 -12.86 -5.06 -6.35
N TRP C 410 -13.94 -5.63 -6.89
CA TRP C 410 -14.16 -7.06 -6.71
C TRP C 410 -13.04 -7.81 -7.37
N LEU C 411 -12.83 -7.53 -8.65
CA LEU C 411 -11.77 -8.19 -9.41
C LEU C 411 -10.42 -7.97 -8.76
N GLY C 412 -10.22 -6.77 -8.21
CA GLY C 412 -9.00 -6.50 -7.47
C GLY C 412 -8.73 -7.58 -6.45
N ASN C 413 -9.63 -7.67 -5.47
CA ASN C 413 -9.42 -8.55 -4.34
C ASN C 413 -9.53 -10.02 -4.71
N ILE C 414 -10.26 -10.31 -5.79
CA ILE C 414 -10.36 -11.69 -6.23
C ILE C 414 -8.98 -12.17 -6.61
N ILE C 415 -8.25 -11.35 -7.35
CA ILE C 415 -6.88 -11.68 -7.74
C ILE C 415 -5.98 -11.70 -6.52
N GLN C 416 -5.86 -10.54 -5.87
CA GLN C 416 -4.90 -10.38 -4.77
C GLN C 416 -5.08 -11.45 -3.69
N TYR C 417 -6.34 -11.72 -3.33
CA TYR C 417 -6.66 -12.54 -2.17
C TYR C 417 -7.46 -13.79 -2.58
N ALA C 418 -7.14 -14.28 -3.77
CA ALA C 418 -7.81 -15.42 -4.39
C ALA C 418 -7.96 -16.66 -3.53
N PRO C 419 -6.99 -16.95 -2.67
CA PRO C 419 -7.14 -18.20 -1.92
C PRO C 419 -7.83 -18.07 -0.59
N THR C 420 -8.19 -16.84 -0.19
CA THR C 420 -8.91 -16.64 1.08
C THR C 420 -10.34 -17.14 0.96
N ILE C 421 -10.92 -17.60 2.06
CA ILE C 421 -12.30 -18.09 2.05
C ILE C 421 -13.32 -17.00 1.66
N TRP C 422 -13.09 -15.76 2.09
CA TRP C 422 -14.04 -14.67 1.80
C TRP C 422 -14.05 -14.27 0.34
N VAL C 423 -12.92 -14.38 -0.35
CA VAL C 423 -12.92 -14.14 -1.79
C VAL C 423 -13.61 -15.31 -2.48
N ARG C 424 -13.20 -16.51 -2.14
CA ARG C 424 -13.67 -17.69 -2.83
C ARG C 424 -15.16 -17.91 -2.65
N MET C 425 -15.66 -17.61 -1.46
CA MET C 425 -17.06 -17.89 -1.15
C MET C 425 -17.94 -16.69 -1.41
N VAL C 426 -17.44 -15.49 -1.13
CA VAL C 426 -18.31 -14.33 -1.15
C VAL C 426 -18.12 -13.49 -2.41
N LEU C 427 -16.89 -13.05 -2.68
CA LEU C 427 -16.67 -12.09 -3.76
C LEU C 427 -16.75 -12.76 -5.12
N MET C 428 -16.20 -13.96 -5.25
CA MET C 428 -16.30 -14.70 -6.50
C MET C 428 -17.74 -15.04 -6.83
N THR C 429 -18.46 -15.59 -5.86
CA THR C 429 -19.83 -15.98 -6.14
C THR C 429 -20.59 -14.75 -6.62
N HIS C 430 -20.34 -13.60 -6.00
CA HIS C 430 -21.06 -12.37 -6.37
C HIS C 430 -20.68 -11.81 -7.71
N PHE C 431 -19.38 -11.79 -7.99
CA PHE C 431 -18.79 -11.31 -9.26
C PHE C 431 -19.38 -12.00 -10.49
N PHE C 432 -19.28 -13.32 -10.53
CA PHE C 432 -19.79 -14.08 -11.65
C PHE C 432 -21.30 -13.99 -11.74
N SER C 433 -21.94 -14.15 -10.60
CA SER C 433 -23.38 -13.99 -10.53
C SER C 433 -23.79 -12.70 -11.22
N ILE C 434 -23.04 -11.62 -11.01
CA ILE C 434 -23.42 -10.32 -11.59
C ILE C 434 -23.17 -10.27 -13.09
N LEU C 435 -21.95 -10.63 -13.49
CA LEU C 435 -21.52 -10.59 -14.89
C LEU C 435 -22.30 -11.55 -15.78
N MET C 436 -22.67 -12.72 -15.26
CA MET C 436 -23.51 -13.63 -16.04
C MET C 436 -24.79 -12.94 -16.39
N VAL C 437 -25.46 -12.36 -15.41
CA VAL C 437 -26.76 -11.74 -15.66
C VAL C 437 -26.62 -10.50 -16.55
N GLN C 438 -25.48 -9.82 -16.55
CA GLN C 438 -25.26 -8.75 -17.53
C GLN C 438 -24.83 -9.33 -18.87
N ASP C 439 -24.78 -10.65 -18.97
CA ASP C 439 -24.06 -11.36 -20.04
C ASP C 439 -22.81 -10.59 -20.51
N THR C 440 -22.02 -10.10 -19.55
CA THR C 440 -20.84 -9.26 -19.85
C THR C 440 -19.58 -9.92 -19.36
N LEU C 441 -19.54 -11.23 -19.58
CA LEU C 441 -18.59 -12.14 -18.97
C LEU C 441 -17.20 -12.08 -19.61
N ASP C 442 -17.04 -11.39 -20.74
CA ASP C 442 -15.74 -11.31 -21.41
C ASP C 442 -15.20 -9.90 -21.63
N GLN C 443 -16.02 -8.87 -21.41
CA GLN C 443 -15.52 -7.50 -21.37
C GLN C 443 -14.28 -7.41 -20.47
N ASN C 444 -13.24 -6.72 -20.94
CA ASN C 444 -12.02 -6.61 -20.16
C ASN C 444 -12.09 -5.54 -19.09
N LEU C 445 -12.27 -5.99 -17.85
CA LEU C 445 -12.29 -5.10 -16.69
C LEU C 445 -10.86 -4.81 -16.26
N GLY C 446 -10.53 -3.51 -16.20
CA GLY C 446 -9.17 -3.06 -15.84
C GLY C 446 -8.06 -3.82 -16.54
N GLY C 447 -8.27 -4.18 -17.80
CA GLY C 447 -7.30 -4.95 -18.58
C GLY C 447 -7.13 -6.43 -18.20
N VAL C 448 -8.13 -7.04 -17.56
CA VAL C 448 -8.11 -8.49 -17.32
C VAL C 448 -9.40 -9.14 -17.79
N ASN C 449 -9.30 -10.24 -18.53
CA ASN C 449 -10.51 -10.95 -18.90
C ASN C 449 -10.93 -11.94 -17.81
N PRO C 450 -12.13 -11.77 -17.25
CA PRO C 450 -12.65 -12.63 -16.19
C PRO C 450 -12.53 -14.12 -16.48
N LEU C 451 -12.73 -14.51 -17.73
CA LEU C 451 -12.62 -15.92 -18.10
C LEU C 451 -11.17 -16.43 -18.01
N ASP C 452 -10.21 -15.52 -17.83
CA ASP C 452 -8.80 -15.89 -17.62
C ASP C 452 -8.45 -16.11 -16.16
N LEU C 453 -9.40 -15.86 -15.25
CA LEU C 453 -9.13 -15.89 -13.82
C LEU C 453 -8.42 -17.17 -13.35
N PRO C 454 -8.97 -18.36 -13.69
CA PRO C 454 -8.37 -19.61 -13.23
C PRO C 454 -6.92 -19.70 -13.63
N ALA C 455 -6.65 -19.38 -14.89
CA ALA C 455 -5.28 -19.32 -15.39
C ALA C 455 -4.43 -18.35 -14.57
N ILE C 456 -4.96 -17.15 -14.32
CA ILE C 456 -4.21 -16.11 -13.57
C ILE C 456 -3.95 -16.58 -12.16
N ILE C 457 -4.99 -17.11 -11.52
CA ILE C 457 -4.88 -17.51 -10.14
C ILE C 457 -3.86 -18.63 -10.02
N GLU C 458 -3.89 -19.60 -10.95
CA GLU C 458 -2.91 -20.68 -10.94
C GLU C 458 -1.47 -20.12 -11.01
N ARG C 459 -1.24 -19.16 -11.91
CA ARG C 459 0.08 -18.56 -12.01
C ARG C 459 0.47 -17.83 -10.72
N LEU C 460 -0.43 -17.02 -10.19
CA LEU C 460 -0.05 -16.15 -9.08
C LEU C 460 -0.09 -16.90 -7.74
N HIS C 461 -1.04 -17.81 -7.57
CA HIS C 461 -1.27 -18.45 -6.27
C HIS C 461 -1.05 -19.94 -6.26
N GLY C 462 -1.24 -20.62 -7.39
CA GLY C 462 -0.98 -22.07 -7.46
C GLY C 462 -2.25 -22.87 -7.34
N LEU C 463 -2.23 -24.10 -7.84
CA LEU C 463 -3.44 -24.93 -7.93
C LEU C 463 -4.18 -25.13 -6.61
N ASP C 464 -3.45 -25.05 -5.50
CA ASP C 464 -4.03 -25.27 -4.19
C ASP C 464 -4.96 -24.13 -3.76
N ALA C 465 -4.89 -23.01 -4.49
CA ALA C 465 -5.82 -21.90 -4.32
C ALA C 465 -7.26 -22.26 -4.70
N PHE C 466 -7.43 -23.38 -5.41
CA PHE C 466 -8.75 -23.83 -5.79
C PHE C 466 -9.18 -24.96 -4.91
N SER C 467 -8.40 -25.30 -3.89
CA SER C 467 -8.64 -26.56 -3.18
C SER C 467 -8.45 -26.55 -1.67
N MET C 468 -8.24 -25.38 -1.08
CA MET C 468 -7.98 -25.31 0.34
C MET C 468 -9.27 -25.60 1.05
N HIS C 469 -9.24 -26.07 2.29
CA HIS C 469 -10.50 -26.50 2.89
C HIS C 469 -10.74 -26.36 4.36
N THR C 470 -9.72 -26.38 5.20
CA THR C 470 -10.04 -26.19 6.62
C THR C 470 -9.46 -24.90 7.14
N TYR C 471 -10.26 -23.84 7.09
CA TYR C 471 -9.75 -22.54 7.44
C TYR C 471 -9.71 -22.34 8.95
N SER C 472 -8.67 -21.66 9.39
CA SER C 472 -8.42 -21.38 10.81
C SER C 472 -9.53 -20.67 11.53
N HIS C 473 -9.59 -20.93 12.82
CA HIS C 473 -10.55 -20.29 13.68
C HIS C 473 -10.52 -18.80 13.60
N HIS C 474 -9.34 -18.19 13.54
CA HIS C 474 -9.34 -16.73 13.46
C HIS C 474 -10.11 -16.27 12.27
N GLU C 475 -9.83 -16.88 11.12
CA GLU C 475 -10.33 -16.43 9.82
C GLU C 475 -11.81 -16.64 9.75
N LEU C 476 -12.21 -17.87 10.04
CA LEU C 476 -13.62 -18.23 10.10
C LEU C 476 -14.39 -17.23 10.98
N THR C 477 -13.88 -16.96 12.17
CA THR C 477 -14.53 -16.03 13.09
C THR C 477 -14.63 -14.65 12.49
N ARG C 478 -13.52 -14.18 11.94
CA ARG C 478 -13.41 -12.83 11.47
C ARG C 478 -14.34 -12.63 10.29
N VAL C 479 -14.37 -13.61 9.39
CA VAL C 479 -15.20 -13.47 8.21
C VAL C 479 -16.68 -13.49 8.57
N ALA C 480 -17.11 -14.53 9.28
CA ALA C 480 -18.47 -14.56 9.82
C ALA C 480 -18.86 -13.19 10.36
N SER C 481 -18.01 -12.70 11.24
CA SER C 481 -18.20 -11.45 11.93
C SER C 481 -18.38 -10.28 10.96
N ALA C 482 -17.47 -10.15 9.99
CA ALA C 482 -17.55 -9.06 9.00
C ALA C 482 -18.87 -9.08 8.22
N LEU C 483 -19.28 -10.24 7.73
CA LEU C 483 -20.53 -10.38 7.01
C LEU C 483 -21.73 -10.02 7.89
N ARG C 484 -21.75 -10.57 9.10
CA ARG C 484 -22.73 -10.16 10.09
C ARG C 484 -22.70 -8.63 10.24
N LYS C 485 -21.51 -8.06 10.41
CA LYS C 485 -21.35 -6.64 10.61
C LYS C 485 -21.93 -5.80 9.48
N LEU C 486 -21.90 -6.31 8.24
CA LEU C 486 -22.34 -5.52 7.07
C LEU C 486 -23.69 -5.93 6.47
N GLY C 487 -24.33 -6.94 7.03
CA GLY C 487 -25.63 -7.35 6.52
C GLY C 487 -25.50 -8.27 5.33
N ALA C 488 -24.37 -8.95 5.24
CA ALA C 488 -24.18 -9.89 4.16
C ALA C 488 -24.76 -11.21 4.59
N PRO C 489 -25.21 -12.02 3.64
CA PRO C 489 -25.63 -13.37 3.98
C PRO C 489 -24.49 -14.15 4.58
N PRO C 490 -24.79 -15.07 5.47
CA PRO C 490 -23.71 -15.87 6.03
C PRO C 490 -23.13 -16.87 5.04
N LEU C 491 -21.94 -17.34 5.36
CA LEU C 491 -21.23 -18.23 4.47
C LEU C 491 -22.09 -19.34 3.88
N ARG C 492 -22.93 -19.98 4.68
CA ARG C 492 -23.74 -21.09 4.16
C ARG C 492 -24.66 -20.69 3.01
N VAL C 493 -25.22 -19.49 3.05
CA VAL C 493 -26.01 -19.03 1.91
C VAL C 493 -25.15 -18.88 0.66
N TRP C 494 -23.96 -18.33 0.83
CA TRP C 494 -23.06 -18.14 -0.29
C TRP C 494 -22.72 -19.43 -0.92
N LYS C 495 -22.78 -20.51 -0.16
CA LYS C 495 -22.47 -21.81 -0.72
C LYS C 495 -23.56 -22.18 -1.71
N SER C 496 -24.80 -22.14 -1.27
CA SER C 496 -25.95 -22.34 -2.16
C SER C 496 -25.79 -21.51 -3.41
N ARG C 497 -25.62 -20.21 -3.20
CA ARG C 497 -25.50 -19.30 -4.33
C ARG C 497 -24.43 -19.75 -5.28
N ALA C 498 -23.31 -20.21 -4.72
CA ALA C 498 -22.17 -20.61 -5.52
C ALA C 498 -22.50 -21.81 -6.40
N ARG C 499 -23.29 -22.76 -5.86
CA ARG C 499 -23.63 -23.98 -6.58
C ARG C 499 -24.41 -23.61 -7.79
N ALA C 500 -25.42 -22.75 -7.60
CA ALA C 500 -26.23 -22.27 -8.72
C ALA C 500 -25.36 -21.51 -9.73
N VAL C 501 -24.55 -20.59 -9.24
CA VAL C 501 -23.63 -19.86 -10.10
C VAL C 501 -22.78 -20.85 -10.90
N ARG C 502 -22.39 -21.95 -10.23
CA ARG C 502 -21.49 -22.97 -10.82
C ARG C 502 -22.19 -23.75 -11.93
N ALA C 503 -23.42 -24.17 -11.62
CA ALA C 503 -24.28 -24.86 -12.58
C ALA C 503 -24.36 -24.09 -13.89
N SER C 504 -24.63 -22.79 -13.82
CA SER C 504 -24.67 -21.97 -15.01
C SER C 504 -23.34 -21.98 -15.75
N LEU C 505 -22.30 -21.44 -15.12
CA LEU C 505 -20.97 -21.38 -15.75
C LEU C 505 -20.57 -22.66 -16.50
N ILE C 506 -20.97 -23.82 -15.97
CA ILE C 506 -20.65 -25.10 -16.60
C ILE C 506 -21.45 -25.28 -17.87
N SER C 507 -22.77 -25.17 -17.75
CA SER C 507 -23.69 -25.35 -18.90
C SER C 507 -23.37 -24.36 -20.04
N ARG C 508 -22.73 -23.26 -19.71
CA ARG C 508 -22.31 -22.28 -20.70
C ARG C 508 -21.17 -22.82 -21.56
N GLY C 509 -20.47 -23.83 -21.05
CA GLY C 509 -19.33 -24.44 -21.74
C GLY C 509 -18.19 -23.46 -21.97
N GLY C 510 -17.17 -23.90 -22.69
CA GLY C 510 -16.10 -23.00 -23.12
C GLY C 510 -15.27 -22.60 -21.94
N LYS C 511 -14.71 -21.40 -22.00
CA LYS C 511 -13.88 -20.93 -20.88
C LYS C 511 -14.71 -20.76 -19.59
N ALA C 512 -15.96 -20.32 -19.75
CA ALA C 512 -16.88 -20.22 -18.64
C ALA C 512 -16.91 -21.52 -17.87
N ALA C 513 -17.00 -22.63 -18.58
CA ALA C 513 -17.02 -23.93 -17.92
C ALA C 513 -15.78 -24.11 -17.03
N VAL C 514 -14.63 -23.65 -17.49
CA VAL C 514 -13.42 -23.79 -16.68
C VAL C 514 -13.68 -23.08 -15.35
N CYS C 515 -13.88 -21.76 -15.42
CA CYS C 515 -14.28 -20.97 -14.25
C CYS C 515 -15.22 -21.73 -13.31
N GLY C 516 -16.32 -22.25 -13.84
CA GLY C 516 -17.19 -23.06 -12.99
C GLY C 516 -16.51 -24.22 -12.27
N ARG C 517 -15.65 -24.97 -12.99
CA ARG C 517 -15.12 -26.21 -12.43
C ARG C 517 -13.98 -25.97 -11.48
N TYR C 518 -13.13 -25.01 -11.86
CA TYR C 518 -11.98 -24.65 -11.03
C TYR C 518 -12.38 -23.75 -9.85
N LEU C 519 -12.96 -22.58 -10.13
CA LEU C 519 -13.20 -21.57 -9.10
C LEU C 519 -14.18 -21.96 -8.03
N PHE C 520 -15.15 -22.81 -8.37
CA PHE C 520 -16.17 -23.19 -7.39
C PHE C 520 -16.20 -24.68 -7.04
N ASN C 521 -15.04 -25.35 -7.11
CA ASN C 521 -14.94 -26.78 -6.82
C ASN C 521 -15.25 -27.05 -5.36
N TRP C 522 -14.92 -26.07 -4.53
CA TRP C 522 -15.31 -26.08 -3.13
C TRP C 522 -16.80 -26.15 -2.93
N ALA C 523 -17.57 -25.59 -3.85
CA ALA C 523 -19.02 -25.54 -3.67
C ALA C 523 -19.70 -26.92 -3.76
N VAL C 524 -19.12 -27.88 -4.49
CA VAL C 524 -19.82 -29.15 -4.77
C VAL C 524 -19.44 -30.29 -3.83
N LYS C 525 -20.36 -31.25 -3.69
CA LYS C 525 -20.19 -32.45 -2.84
C LYS C 525 -19.14 -33.41 -3.41
N THR C 526 -19.34 -33.80 -4.67
CA THR C 526 -18.43 -34.69 -5.40
C THR C 526 -17.38 -33.83 -6.09
N LYS C 527 -16.20 -33.72 -5.46
CA LYS C 527 -15.09 -32.90 -5.99
C LYS C 527 -14.51 -33.40 -7.32
N LEU C 528 -13.83 -32.51 -8.03
CA LEU C 528 -13.25 -32.82 -9.34
C LEU C 528 -11.72 -32.74 -9.32
N LYS C 529 -11.03 -33.76 -9.85
CA LYS C 529 -9.56 -33.70 -9.95
C LYS C 529 -9.10 -32.57 -10.88
N LEU C 530 -8.65 -31.47 -10.29
CA LEU C 530 -8.20 -30.30 -11.04
C LEU C 530 -6.74 -30.42 -11.42
N THR C 531 -6.48 -30.85 -12.65
CA THR C 531 -5.12 -30.91 -13.18
C THR C 531 -4.65 -29.49 -13.52
N PRO C 532 -3.34 -29.30 -13.71
CA PRO C 532 -2.87 -27.96 -14.05
C PRO C 532 -3.42 -27.46 -15.38
N LEU C 533 -3.29 -26.15 -15.59
CA LEU C 533 -3.86 -25.51 -16.75
C LEU C 533 -2.78 -25.25 -17.78
N PRO C 534 -2.98 -25.73 -19.03
CA PRO C 534 -2.09 -25.38 -20.14
C PRO C 534 -1.91 -23.87 -20.24
N GLU C 535 -3.01 -23.14 -20.46
CA GLU C 535 -2.98 -21.68 -20.62
C GLU C 535 -2.12 -20.97 -19.53
N ALA C 536 -2.01 -21.61 -18.36
CA ALA C 536 -1.32 -21.06 -17.17
C ALA C 536 0.15 -20.68 -17.33
N ARG C 537 0.93 -21.48 -18.08
CA ARG C 537 2.36 -21.22 -18.32
C ARG C 537 2.58 -19.95 -19.18
N LEU C 538 1.59 -19.63 -20.02
CA LEU C 538 1.57 -18.41 -20.85
C LEU C 538 1.56 -17.07 -20.04
N LEU C 539 0.90 -17.07 -18.87
CA LEU C 539 0.86 -15.90 -17.97
C LEU C 539 1.89 -16.07 -16.85
#